data_5H5R
#
_entry.id   5H5R
#
_cell.length_a   41.247
_cell.length_b   41.247
_cell.length_c   92.902
_cell.angle_alpha   90.00
_cell.angle_beta   90.00
_cell.angle_gamma   120.00
#
_symmetry.space_group_name_H-M   'P 32'
#
loop_
_entity.id
_entity.type
_entity.pdbx_description
1 polymer 'Phospholipid hydroperoxide glutathione peroxidase, mitochondrial'
2 polymer GXpep-2
3 non-polymer GLYCEROL
4 water water
#
loop_
_entity_poly.entity_id
_entity_poly.type
_entity_poly.pdbx_seq_one_letter_code
_entity_poly.pdbx_strand_id
1 'polypeptide(L)'
;SASRDDWRAARSMHEFSAKDIDGHMVNLDKYRGFVSIVTNVASQ(OCS)GKTEVNYTQLVDLHARYAERGLRILAFPSNQ
FGKQEPGSNEEIKEFAAGYNVKFDMFSKIEVNGDDAHPLWKWMKIQPKGKGILGNAIKWNFTKFLIDKNGVVVKRYGPME
EPLVIEKDLPHYF
;
A
2 'polypeptide(L)' (ACE)CRAWYQNYCALRR(NH2) B
#
loop_
_chem_comp.id
_chem_comp.type
_chem_comp.name
_chem_comp.formula
ACE non-polymer 'ACETYL GROUP' 'C2 H4 O'
GOL non-polymer GLYCEROL 'C3 H8 O3'
NH2 non-polymer 'AMINO GROUP' 'H2 N'
#
# COMPACT_ATOMS: atom_id res chain seq x y z
N SER A 1 2.36 5.71 -20.67
CA SER A 1 2.09 5.47 -22.13
C SER A 1 3.34 5.65 -23.02
N ALA A 2 3.96 6.83 -23.02
CA ALA A 2 5.33 7.00 -23.60
C ALA A 2 6.38 6.32 -22.73
N SER A 3 6.06 6.14 -21.45
CA SER A 3 6.94 5.41 -20.53
C SER A 3 6.76 3.90 -20.64
N ARG A 4 7.79 3.19 -20.18
CA ARG A 4 7.73 1.75 -20.12
C ARG A 4 6.60 1.35 -19.16
N ASP A 5 5.74 0.46 -19.63
CA ASP A 5 4.60 0.03 -18.81
C ASP A 5 4.36 -1.48 -18.86
N ASP A 6 5.45 -2.25 -18.86
CA ASP A 6 5.37 -3.69 -18.69
C ASP A 6 4.82 -4.08 -17.32
N TRP A 7 4.81 -3.16 -16.34
CA TRP A 7 4.11 -3.41 -15.09
C TRP A 7 2.62 -3.76 -15.30
N ARG A 8 2.03 -3.31 -16.41
CA ARG A 8 0.63 -3.63 -16.66
C ARG A 8 0.37 -5.12 -16.78
N ALA A 9 1.37 -5.90 -17.19
CA ALA A 9 1.20 -7.34 -17.41
C ALA A 9 1.46 -8.18 -16.17
N ALA A 10 1.88 -7.58 -15.05
CA ALA A 10 1.97 -8.35 -13.81
C ALA A 10 0.60 -8.93 -13.48
N ARG A 11 0.61 -10.09 -12.86
CA ARG A 11 -0.63 -10.82 -12.55
CA ARG A 11 -0.66 -10.77 -12.53
C ARG A 11 -0.92 -10.90 -11.04
N SER A 12 -0.02 -10.37 -10.21
CA SER A 12 -0.15 -10.47 -8.76
C SER A 12 0.68 -9.40 -8.08
N MET A 13 0.20 -8.91 -6.94
CA MET A 13 1.00 -8.05 -6.08
CA MET A 13 1.00 -8.04 -6.07
C MET A 13 2.32 -8.72 -5.71
N HIS A 14 2.30 -10.05 -5.63
CA HIS A 14 3.47 -10.81 -5.21
C HIS A 14 4.63 -10.74 -6.18
N GLU A 15 4.41 -10.24 -7.40
CA GLU A 15 5.51 -10.10 -8.35
C GLU A 15 6.41 -8.91 -8.05
N PHE A 16 5.93 -7.95 -7.28
CA PHE A 16 6.63 -6.66 -7.12
C PHE A 16 7.63 -6.71 -5.97
N SER A 17 8.45 -5.68 -5.91
CA SER A 17 9.41 -5.44 -4.82
C SER A 17 9.34 -3.98 -4.43
N ALA A 18 9.66 -3.69 -3.17
CA ALA A 18 9.69 -2.31 -2.69
C ALA A 18 10.66 -2.19 -1.54
N LYS A 19 11.24 -1.00 -1.37
CA LYS A 19 12.08 -0.77 -0.21
C LYS A 19 11.26 -0.55 1.04
N ASP A 20 11.63 -1.24 2.11
CA ASP A 20 11.02 -1.03 3.41
C ASP A 20 11.45 0.33 3.97
N ILE A 21 10.91 0.67 5.14
CA ILE A 21 11.13 2.02 5.67
C ILE A 21 12.59 2.25 6.09
N ASP A 22 13.35 1.17 6.28
CA ASP A 22 14.79 1.25 6.56
C ASP A 22 15.67 1.21 5.32
N GLY A 23 15.08 1.24 4.15
CA GLY A 23 15.83 1.29 2.89
C GLY A 23 16.20 -0.06 2.31
N HIS A 24 15.70 -1.15 2.88
CA HIS A 24 16.07 -2.50 2.43
C HIS A 24 15.05 -3.04 1.44
N MET A 25 15.54 -3.68 0.39
N MET A 25 15.52 -3.66 0.37
CA MET A 25 14.71 -4.14 -0.71
CA MET A 25 14.60 -4.08 -0.67
C MET A 25 13.97 -5.43 -0.35
C MET A 25 13.96 -5.41 -0.35
N VAL A 26 12.64 -5.37 -0.28
CA VAL A 26 11.75 -6.48 0.11
C VAL A 26 10.97 -6.98 -1.14
N ASN A 27 11.08 -8.28 -1.43
CA ASN A 27 10.26 -8.91 -2.45
C ASN A 27 8.90 -9.23 -1.85
N LEU A 28 7.84 -8.79 -2.54
CA LEU A 28 6.49 -8.90 -2.00
C LEU A 28 5.92 -10.31 -2.17
N ASP A 29 6.68 -11.21 -2.81
CA ASP A 29 6.27 -12.63 -2.82
C ASP A 29 6.31 -13.26 -1.42
N LYS A 30 6.93 -12.60 -0.44
CA LYS A 30 6.76 -13.02 0.97
C LYS A 30 5.30 -13.05 1.41
N TYR A 31 4.41 -12.33 0.72
CA TYR A 31 2.99 -12.27 1.07
C TYR A 31 2.14 -13.36 0.42
N ARG A 32 2.77 -14.28 -0.34
CA ARG A 32 2.06 -15.45 -0.88
C ARG A 32 1.42 -16.22 0.25
N GLY A 33 0.11 -16.42 0.15
CA GLY A 33 -0.62 -17.16 1.17
C GLY A 33 -1.16 -16.30 2.30
N PHE A 34 -0.95 -14.98 2.22
CA PHE A 34 -1.37 -14.03 3.26
C PHE A 34 -2.30 -12.97 2.72
N VAL A 35 -3.45 -12.82 3.33
CA VAL A 35 -4.37 -11.75 2.96
C VAL A 35 -3.72 -10.42 3.31
N SER A 36 -3.74 -9.47 2.38
CA SER A 36 -2.99 -8.22 2.60
C SER A 36 -3.85 -6.99 2.36
N ILE A 37 -3.58 -5.95 3.14
CA ILE A 37 -4.12 -4.62 2.88
C ILE A 37 -2.94 -3.75 2.50
N VAL A 38 -3.02 -3.10 1.33
CA VAL A 38 -1.99 -2.13 0.92
C VAL A 38 -2.60 -0.75 1.02
N THR A 39 -1.90 0.17 1.70
CA THR A 39 -2.46 1.49 1.92
C THR A 39 -1.39 2.54 1.84
N ASN A 40 -1.77 3.74 1.41
CA ASN A 40 -0.85 4.89 1.41
C ASN A 40 -1.13 5.74 2.64
N VAL A 41 -0.08 6.12 3.37
CA VAL A 41 -0.25 6.77 4.66
C VAL A 41 0.37 8.16 4.64
N ALA A 42 -0.02 8.96 5.63
CA ALA A 42 0.56 10.29 5.86
C ALA A 42 0.34 10.62 7.35
N SER A 43 1.24 11.41 7.90
CA SER A 43 1.22 11.73 9.33
C SER A 43 0.41 12.97 9.71
N GLN A 44 0.16 13.88 8.77
CA GLN A 44 -0.40 15.20 9.10
CA GLN A 44 -0.39 15.21 9.09
C GLN A 44 -1.78 15.42 8.47
N OCS A 45 -2.62 14.39 8.50
CA OCS A 45 -4.00 14.44 7.98
CB OCS A 45 -4.21 13.26 6.98
SG OCS A 45 -5.65 13.19 6.10
C OCS A 45 -4.94 14.37 9.15
O OCS A 45 -4.65 13.74 10.17
OD1 OCS A 45 -6.62 12.54 6.95
OD2 OCS A 45 -6.07 14.49 5.69
OD3 OCS A 45 -5.36 12.31 4.86
N GLY A 46 -6.10 15.01 9.01
CA GLY A 46 -7.10 14.97 10.08
C GLY A 46 -7.55 13.57 10.47
N LYS A 47 -7.50 12.64 9.52
CA LYS A 47 -7.85 11.25 9.77
C LYS A 47 -6.65 10.31 9.97
N THR A 48 -5.45 10.88 10.15
CA THR A 48 -4.27 10.04 10.45
C THR A 48 -4.52 9.17 11.68
N GLU A 49 -5.05 9.77 12.73
CA GLU A 49 -5.26 9.03 13.97
C GLU A 49 -6.22 7.86 13.80
N VAL A 50 -7.37 8.11 13.22
CA VAL A 50 -8.35 7.03 13.05
C VAL A 50 -7.81 5.93 12.14
N ASN A 51 -7.11 6.31 11.06
CA ASN A 51 -6.55 5.29 10.17
C ASN A 51 -5.45 4.46 10.83
N TYR A 52 -4.48 5.11 11.46
CA TYR A 52 -3.42 4.31 12.09
C TYR A 52 -3.98 3.45 13.20
N THR A 53 -4.84 4.01 14.04
CA THR A 53 -5.35 3.21 15.16
C THR A 53 -6.13 1.99 14.68
N GLN A 54 -6.95 2.18 13.65
CA GLN A 54 -7.77 1.06 13.16
C GLN A 54 -6.96 0.06 12.34
N LEU A 55 -5.92 0.51 11.63
CA LEU A 55 -5.03 -0.44 10.96
C LEU A 55 -4.30 -1.31 11.98
N VAL A 56 -3.85 -0.68 13.07
CA VAL A 56 -3.23 -1.42 14.17
C VAL A 56 -4.25 -2.42 14.76
N ASP A 57 -5.48 -1.98 14.96
CA ASP A 57 -6.55 -2.89 15.43
C ASP A 57 -6.68 -4.11 14.51
N LEU A 58 -6.77 -3.87 13.21
CA LEU A 58 -6.90 -4.98 12.28
C LEU A 58 -5.74 -5.94 12.34
N HIS A 59 -4.52 -5.40 12.35
CA HIS A 59 -3.35 -6.26 12.41
C HIS A 59 -3.28 -7.04 13.72
N ALA A 60 -3.59 -6.38 14.82
CA ALA A 60 -3.57 -7.07 16.12
C ALA A 60 -4.57 -8.21 16.16
N ARG A 61 -5.75 -7.98 15.62
CA ARG A 61 -6.81 -8.99 15.59
C ARG A 61 -6.56 -10.13 14.63
N TYR A 62 -6.01 -9.84 13.45
CA TYR A 62 -6.03 -10.82 12.36
C TYR A 62 -4.64 -11.28 11.88
N ALA A 63 -3.56 -10.75 12.44
CA ALA A 63 -2.22 -11.21 12.02
C ALA A 63 -2.10 -12.72 12.15
N GLU A 64 -2.68 -13.28 13.21
CA GLU A 64 -2.68 -14.74 13.43
C GLU A 64 -3.45 -15.54 12.37
N ARG A 65 -4.44 -14.93 11.73
CA ARG A 65 -5.15 -15.53 10.57
C ARG A 65 -4.35 -15.41 9.27
N GLY A 66 -3.29 -14.60 9.28
CA GLY A 66 -2.53 -14.32 8.09
C GLY A 66 -2.71 -12.93 7.51
N LEU A 67 -3.35 -12.00 8.22
CA LEU A 67 -3.45 -10.64 7.70
C LEU A 67 -2.12 -9.90 7.79
N ARG A 68 -1.74 -9.30 6.67
CA ARG A 68 -0.57 -8.44 6.61
C ARG A 68 -1.00 -7.08 6.10
N ILE A 69 -0.31 -6.04 6.55
CA ILE A 69 -0.61 -4.67 6.12
C ILE A 69 0.69 -4.06 5.64
N LEU A 70 0.65 -3.54 4.40
CA LEU A 70 1.77 -2.88 3.75
C LEU A 70 1.42 -1.39 3.64
N ALA A 71 2.14 -0.57 4.39
CA ALA A 71 1.85 0.86 4.48
C ALA A 71 2.95 1.63 3.75
N PHE A 72 2.54 2.38 2.74
CA PHE A 72 3.42 3.18 1.91
C PHE A 72 3.20 4.64 2.20
N PRO A 73 4.15 5.32 2.88
CA PRO A 73 4.02 6.76 3.05
C PRO A 73 4.08 7.46 1.68
N SER A 74 3.37 8.58 1.57
CA SER A 74 3.48 9.43 0.39
C SER A 74 3.20 10.86 0.79
N ASN A 75 3.96 11.77 0.19
CA ASN A 75 3.81 13.21 0.41
C ASN A 75 3.03 13.90 -0.69
N GLN A 76 2.30 13.15 -1.51
CA GLN A 76 1.60 13.74 -2.65
C GLN A 76 0.27 14.43 -2.34
N PHE A 77 -0.21 14.33 -1.10
CA PHE A 77 -1.56 14.80 -0.75
C PHE A 77 -1.46 15.81 0.37
N GLY A 78 -1.48 17.08 -0.02
CA GLY A 78 -1.40 18.20 0.90
C GLY A 78 -0.06 18.34 1.58
N LYS A 79 0.99 17.71 1.05
CA LYS A 79 2.30 17.69 1.71
C LYS A 79 2.17 17.24 3.17
N GLN A 80 1.38 16.19 3.37
CA GLN A 80 1.07 15.72 4.72
C GLN A 80 2.02 14.62 5.22
N GLU A 81 3.07 14.33 4.44
CA GLU A 81 4.12 13.42 4.89
C GLU A 81 5.49 14.03 4.59
N PRO A 82 5.82 15.16 5.23
CA PRO A 82 7.09 15.83 4.91
C PRO A 82 8.34 15.20 5.52
N GLY A 83 8.18 14.25 6.43
CA GLY A 83 9.29 13.72 7.18
C GLY A 83 10.16 12.74 6.43
N SER A 84 11.34 12.49 6.98
CA SER A 84 12.20 11.42 6.47
C SER A 84 11.59 10.06 6.79
N ASN A 85 12.09 9.03 6.13
CA ASN A 85 11.65 7.69 6.46
C ASN A 85 11.85 7.37 7.95
N GLU A 86 12.99 7.79 8.53
CA GLU A 86 13.23 7.54 9.95
CA GLU A 86 13.23 7.55 9.96
C GLU A 86 12.18 8.24 10.81
N GLU A 87 11.83 9.48 10.48
CA GLU A 87 10.79 10.18 11.24
C GLU A 87 9.44 9.49 11.12
N ILE A 88 9.12 9.01 9.92
CA ILE A 88 7.84 8.32 9.71
C ILE A 88 7.80 7.01 10.50
N LYS A 89 8.93 6.29 10.54
CA LYS A 89 9.03 5.08 11.35
C LYS A 89 8.71 5.38 12.80
N GLU A 90 9.33 6.45 13.33
CA GLU A 90 9.08 6.84 14.73
C GLU A 90 7.62 7.23 14.97
N PHE A 91 7.02 7.89 13.99
CA PHE A 91 5.60 8.28 14.06
C PHE A 91 4.71 7.03 14.16
N ALA A 92 4.98 6.07 13.28
CA ALA A 92 4.25 4.81 13.31
C ALA A 92 4.45 4.07 14.61
N ALA A 93 5.66 4.09 15.14
CA ALA A 93 5.93 3.44 16.43
C ALA A 93 5.09 4.03 17.54
N GLY A 94 4.77 5.32 17.46
CA GLY A 94 3.90 5.95 18.46
C GLY A 94 2.50 5.38 18.51
N TYR A 95 2.04 4.82 17.40
CA TYR A 95 0.75 4.11 17.32
C TYR A 95 0.88 2.62 17.57
N ASN A 96 2.06 2.16 17.99
CA ASN A 96 2.30 0.74 18.25
C ASN A 96 2.11 -0.12 17.01
N VAL A 97 2.47 0.43 15.85
CA VAL A 97 2.43 -0.31 14.60
C VAL A 97 3.40 -1.48 14.65
N LYS A 98 2.89 -2.65 14.24
CA LYS A 98 3.72 -3.86 14.10
C LYS A 98 3.60 -4.47 12.70
N PHE A 99 2.85 -3.84 11.81
CA PHE A 99 2.76 -4.25 10.43
C PHE A 99 3.93 -3.64 9.64
N ASP A 100 3.91 -3.76 8.31
CA ASP A 100 5.07 -3.51 7.47
C ASP A 100 5.04 -2.11 6.90
N MET A 101 6.02 -1.30 7.34
CA MET A 101 6.17 0.07 6.87
C MET A 101 7.19 0.09 5.75
N PHE A 102 6.88 0.83 4.69
CA PHE A 102 7.73 0.97 3.52
C PHE A 102 8.31 2.38 3.42
N SER A 103 9.35 2.52 2.60
CA SER A 103 9.88 3.85 2.29
CA SER A 103 9.91 3.81 2.23
C SER A 103 8.86 4.68 1.52
N LYS A 104 8.93 5.98 1.74
CA LYS A 104 8.03 6.93 1.10
C LYS A 104 8.15 6.84 -0.41
N ILE A 105 7.00 6.90 -1.08
CA ILE A 105 6.92 6.81 -2.53
C ILE A 105 5.91 7.79 -3.07
N GLU A 106 5.92 7.95 -4.38
CA GLU A 106 4.76 8.51 -5.11
C GLU A 106 3.82 7.37 -5.49
N VAL A 107 2.52 7.67 -5.46
CA VAL A 107 1.47 6.72 -5.83
C VAL A 107 0.70 7.13 -7.09
N ASN A 108 0.83 8.41 -7.49
CA ASN A 108 0.23 8.91 -8.73
C ASN A 108 1.28 9.50 -9.64
N GLY A 109 0.95 9.56 -10.94
CA GLY A 109 1.80 10.16 -11.94
C GLY A 109 2.79 9.17 -12.51
N ASP A 110 3.60 9.67 -13.44
CA ASP A 110 4.52 8.83 -14.20
C ASP A 110 5.63 8.23 -13.36
N ASP A 111 5.93 8.88 -12.23
CA ASP A 111 6.97 8.39 -11.31
C ASP A 111 6.40 7.65 -10.09
N ALA A 112 5.17 7.18 -10.17
CA ALA A 112 4.60 6.37 -9.11
C ALA A 112 5.28 5.02 -9.05
N HIS A 113 5.34 4.45 -7.86
CA HIS A 113 5.81 3.06 -7.73
C HIS A 113 4.96 2.14 -8.61
N PRO A 114 5.60 1.22 -9.35
CA PRO A 114 4.82 0.39 -10.27
C PRO A 114 3.80 -0.53 -9.61
N LEU A 115 3.98 -0.92 -8.35
CA LEU A 115 2.93 -1.66 -7.67
C LEU A 115 1.62 -0.84 -7.64
N TRP A 116 1.75 0.45 -7.34
CA TRP A 116 0.60 1.35 -7.28
C TRP A 116 0.02 1.61 -8.65
N LYS A 117 0.86 1.79 -9.66
CA LYS A 117 0.36 1.85 -11.03
C LYS A 117 -0.51 0.62 -11.35
N TRP A 118 0.00 -0.56 -10.97
CA TRP A 118 -0.66 -1.84 -11.25
C TRP A 118 -1.98 -1.95 -10.48
N MET A 119 -1.98 -1.65 -9.18
CA MET A 119 -3.19 -1.82 -8.38
C MET A 119 -4.34 -1.00 -8.96
N LYS A 120 -4.03 0.21 -9.41
CA LYS A 120 -5.02 1.15 -9.90
C LYS A 120 -5.71 0.71 -11.19
N ILE A 121 -5.10 -0.18 -11.97
CA ILE A 121 -5.74 -0.69 -13.21
C ILE A 121 -6.40 -2.03 -13.00
N GLN A 122 -6.39 -2.60 -11.78
CA GLN A 122 -7.02 -3.91 -11.58
C GLN A 122 -8.53 -3.80 -11.64
N PRO A 123 -9.22 -4.87 -12.10
CA PRO A 123 -10.68 -4.81 -12.17
C PRO A 123 -11.36 -4.39 -10.87
N LYS A 124 -10.85 -4.86 -9.73
CA LYS A 124 -11.42 -4.47 -8.42
C LYS A 124 -10.64 -3.36 -7.74
N GLY A 125 -9.74 -2.72 -8.47
CA GLY A 125 -9.01 -1.55 -7.99
C GLY A 125 -9.50 -0.23 -8.56
N LYS A 126 -10.71 -0.24 -9.11
CA LYS A 126 -11.25 0.94 -9.79
C LYS A 126 -11.60 2.02 -8.79
N GLY A 127 -11.27 3.28 -9.12
N GLY A 127 -11.28 3.27 -9.12
CA GLY A 127 -11.66 4.44 -8.31
CA GLY A 127 -11.66 4.40 -8.29
C GLY A 127 -13.03 4.94 -8.79
C GLY A 127 -13.00 4.95 -8.70
N ILE A 128 -13.47 6.08 -8.25
N ILE A 128 -13.39 5.98 -7.96
CA ILE A 128 -14.82 6.59 -8.54
CA ILE A 128 -14.46 6.86 -8.30
C ILE A 128 -14.90 7.44 -9.84
C ILE A 128 -13.76 8.12 -8.80
N LEU A 129 -14.18 8.52 -9.94
CA LEU A 129 -13.79 9.60 -10.83
C LEU A 129 -12.40 9.26 -11.34
N GLY A 130 -12.30 8.15 -12.05
CA GLY A 130 -11.02 7.63 -12.51
C GLY A 130 -10.29 6.91 -11.40
N ASN A 131 -9.14 6.37 -11.75
CA ASN A 131 -8.43 5.43 -10.86
C ASN A 131 -7.32 6.04 -10.03
N ALA A 132 -7.01 7.33 -10.20
CA ALA A 132 -5.95 7.94 -9.42
C ALA A 132 -6.25 7.83 -7.93
N ILE A 133 -5.18 7.75 -7.13
CA ILE A 133 -5.35 7.82 -5.69
C ILE A 133 -5.81 9.25 -5.34
N LYS A 134 -6.88 9.39 -4.58
CA LYS A 134 -7.47 10.71 -4.36
C LYS A 134 -6.96 11.43 -3.16
N TRP A 135 -6.53 10.71 -2.13
CA TRP A 135 -5.98 11.34 -0.94
C TRP A 135 -5.25 10.27 -0.15
N ASN A 136 -4.71 10.66 1.00
CA ASN A 136 -4.07 9.72 1.90
C ASN A 136 -5.06 8.66 2.34
N PHE A 137 -4.55 7.47 2.62
CA PHE A 137 -5.34 6.37 3.23
C PHE A 137 -6.37 5.78 2.28
N THR A 138 -6.01 5.64 1.01
CA THR A 138 -6.70 4.69 0.16
C THR A 138 -6.24 3.29 0.58
N LYS A 139 -7.15 2.31 0.51
CA LYS A 139 -6.80 0.92 0.85
C LYS A 139 -7.17 -0.05 -0.24
N PHE A 140 -6.30 -1.02 -0.50
CA PHE A 140 -6.61 -2.12 -1.39
C PHE A 140 -6.52 -3.41 -0.59
N LEU A 141 -7.58 -4.21 -0.65
CA LEU A 141 -7.57 -5.55 -0.07
C LEU A 141 -7.15 -6.53 -1.16
N ILE A 142 -6.20 -7.39 -0.80
CA ILE A 142 -5.54 -8.30 -1.74
C ILE A 142 -5.64 -9.71 -1.17
N ASP A 143 -6.03 -10.64 -2.02
CA ASP A 143 -6.25 -12.02 -1.58
C ASP A 143 -4.91 -12.78 -1.44
N LYS A 144 -4.99 -14.05 -1.05
CA LYS A 144 -3.79 -14.86 -0.78
C LYS A 144 -2.95 -15.10 -2.03
N ASN A 145 -3.56 -14.96 -3.20
CA ASN A 145 -2.85 -15.08 -4.48
C ASN A 145 -2.33 -13.76 -5.02
N GLY A 146 -2.52 -12.68 -4.26
CA GLY A 146 -2.03 -11.36 -4.67
C GLY A 146 -2.93 -10.64 -5.65
N VAL A 147 -4.18 -11.06 -5.77
CA VAL A 147 -5.16 -10.42 -6.63
C VAL A 147 -5.91 -9.35 -5.84
N VAL A 148 -6.11 -8.19 -6.43
CA VAL A 148 -6.87 -7.12 -5.79
C VAL A 148 -8.34 -7.54 -5.76
N VAL A 149 -8.96 -7.51 -4.59
CA VAL A 149 -10.36 -7.88 -4.48
C VAL A 149 -11.26 -6.73 -4.11
N LYS A 150 -10.75 -5.64 -3.54
CA LYS A 150 -11.59 -4.47 -3.26
C LYS A 150 -10.69 -3.27 -3.00
N ARG A 151 -11.23 -2.09 -3.29
CA ARG A 151 -10.60 -0.81 -3.01
C ARG A 151 -11.51 0.01 -2.13
N TYR A 152 -10.93 0.70 -1.16
CA TYR A 152 -11.64 1.53 -0.20
C TYR A 152 -11.03 2.92 -0.22
N GLY A 153 -11.87 3.94 -0.26
CA GLY A 153 -11.39 5.30 -0.39
C GLY A 153 -10.90 5.85 0.93
N PRO A 154 -10.28 7.05 0.85
CA PRO A 154 -9.71 7.73 2.02
C PRO A 154 -10.67 7.80 3.18
N MET A 155 -11.93 8.10 2.93
CA MET A 155 -12.90 8.30 4.02
C MET A 155 -13.52 7.04 4.56
N GLU A 156 -13.21 5.89 3.99
CA GLU A 156 -13.67 4.62 4.53
C GLU A 156 -12.70 4.17 5.60
N GLU A 157 -13.13 4.23 6.86
CA GLU A 157 -12.24 3.91 7.97
CA GLU A 157 -12.23 3.91 7.96
C GLU A 157 -11.80 2.44 7.85
N PRO A 158 -10.58 2.11 8.31
CA PRO A 158 -10.11 0.75 8.11
C PRO A 158 -11.02 -0.36 8.64
N LEU A 159 -11.76 -0.11 9.71
CA LEU A 159 -12.62 -1.17 10.22
C LEU A 159 -13.72 -1.60 9.26
N VAL A 160 -14.03 -0.80 8.25
CA VAL A 160 -14.98 -1.30 7.24
C VAL A 160 -14.43 -2.49 6.46
N ILE A 161 -13.10 -2.58 6.37
CA ILE A 161 -12.47 -3.69 5.65
C ILE A 161 -12.69 -5.02 6.39
N GLU A 162 -12.93 -4.93 7.70
CA GLU A 162 -13.13 -6.11 8.53
C GLU A 162 -14.29 -6.97 8.06
N LYS A 163 -15.32 -6.38 7.45
CA LYS A 163 -16.43 -7.18 6.94
C LYS A 163 -15.98 -8.11 5.80
N ASP A 164 -15.03 -7.67 5.00
CA ASP A 164 -14.65 -8.38 3.79
C ASP A 164 -13.50 -9.35 4.01
N LEU A 165 -12.51 -8.94 4.80
CA LEU A 165 -11.28 -9.72 4.88
C LEU A 165 -11.47 -11.20 5.34
N PRO A 166 -12.46 -11.53 6.20
CA PRO A 166 -12.57 -12.92 6.61
C PRO A 166 -12.92 -13.89 5.49
N HIS A 167 -13.51 -13.40 4.40
CA HIS A 167 -13.81 -14.23 3.24
C HIS A 167 -12.57 -14.73 2.49
N TYR A 168 -11.41 -14.13 2.75
CA TYR A 168 -10.21 -14.41 1.98
C TYR A 168 -9.17 -15.24 2.73
N PHE A 169 -9.35 -15.47 4.03
CA PHE A 169 -8.45 -16.37 4.74
C PHE A 169 -8.57 -17.79 4.24
C ACE B 1 14.25 -8.25 -16.17
O ACE B 1 13.06 -8.46 -16.29
CH3 ACE B 1 15.26 -9.14 -16.85
N CYS B 2 14.70 -7.24 -15.42
CA CYS B 2 13.78 -6.33 -14.70
C CYS B 2 12.73 -5.74 -15.63
N ARG B 3 11.47 -5.79 -15.20
CA ARG B 3 10.35 -5.31 -15.99
C ARG B 3 9.91 -3.90 -15.64
N ALA B 4 10.33 -3.39 -14.47
CA ALA B 4 9.96 -2.03 -14.05
C ALA B 4 10.95 -1.62 -12.97
N TRP B 5 11.69 -0.53 -13.23
CA TRP B 5 12.63 0.08 -12.29
C TRP B 5 11.94 1.19 -11.52
N TYR B 6 12.30 1.35 -10.24
CA TYR B 6 11.81 2.46 -9.43
C TYR B 6 12.99 2.95 -8.63
N GLN B 7 13.25 4.26 -8.72
CA GLN B 7 14.46 4.85 -8.17
C GLN B 7 15.69 4.00 -8.53
N ASN B 8 16.39 3.42 -7.57
CA ASN B 8 17.60 2.67 -7.87
C ASN B 8 17.47 1.15 -7.75
N TYR B 9 16.24 0.63 -7.90
CA TYR B 9 16.05 -0.79 -7.75
C TYR B 9 14.98 -1.33 -8.69
N CYS B 10 15.06 -2.64 -8.86
CA CYS B 10 14.07 -3.33 -9.68
C CYS B 10 12.83 -3.62 -8.86
N ALA B 11 11.74 -2.98 -9.25
CA ALA B 11 10.45 -3.12 -8.57
C ALA B 11 9.60 -4.28 -9.11
N LEU B 12 10.03 -4.91 -10.20
CA LEU B 12 9.28 -6.00 -10.82
C LEU B 12 10.25 -6.90 -11.56
N ARG B 13 10.76 -7.90 -10.85
CA ARG B 13 11.74 -8.82 -11.45
C ARG B 13 11.11 -9.73 -12.49
N ARG B 14 11.93 -10.26 -13.38
CA ARG B 14 11.49 -11.34 -14.27
C ARG B 14 10.89 -12.49 -13.48
N NH2 B 15 9.76 -13.06 -13.90
C1 GOL C . -15.46 -1.44 -5.08
O1 GOL C . -15.80 -2.81 -4.81
C2 GOL C . -14.04 -1.27 -5.65
O2 GOL C . -13.25 -2.44 -5.40
C3 GOL C . -14.04 -0.85 -7.14
O3 GOL C . -13.29 -1.72 -7.99
#